data_4QJ7
#
_entry.id   4QJ7
#
_cell.length_a   51.597
_cell.length_b   58.162
_cell.length_c   61.758
_cell.angle_alpha   90.00
_cell.angle_beta   95.80
_cell.angle_gamma   90.00
#
_symmetry.space_group_name_H-M   'P 1 21 1'
#
loop_
_entity.id
_entity.type
_entity.pdbx_description
1 polymer Protease
2 polymer 'p1-p6 peptide'
3 non-polymer 'PHOSPHATE ION'
4 non-polymer 'SULFATE ION'
5 water water
#
loop_
_entity_poly.entity_id
_entity_poly.type
_entity_poly.pdbx_seq_one_letter_code
_entity_poly.pdbx_strand_id
1 'polypeptide(L)'
;PQITLWKRPLVTIRIGGQLKEALLNTGADDTVLEEMNLPGKWKPKMIGGVGGFIKVRQYDQIPIEICGHKVIGTVLVGPT
PVNIIGRNLLTQIGCTLNF
;
A,B,C,D
2 'polypeptide(L)' RPGNFLQSSP F,G
#
loop_
_chem_comp.id
_chem_comp.type
_chem_comp.name
_chem_comp.formula
PO4 non-polymer 'PHOSPHATE ION' 'O4 P -3'
SO4 non-polymer 'SULFATE ION' 'O4 S -2'
#
# COMPACT_ATOMS: atom_id res chain seq x y z
N PRO A 1 -2.32 -14.90 -2.47
CA PRO A 1 -1.29 -15.91 -2.52
C PRO A 1 0.07 -15.39 -2.04
N GLN A 2 0.99 -16.33 -1.85
CA GLN A 2 2.39 -16.03 -1.64
C GLN A 2 3.07 -16.43 -2.92
N ILE A 3 3.82 -15.52 -3.53
CA ILE A 3 4.50 -15.78 -4.78
C ILE A 3 6.01 -15.75 -4.56
N THR A 4 6.65 -16.89 -4.82
CA THR A 4 8.08 -16.99 -4.68
C THR A 4 8.75 -16.37 -5.92
N LEU A 5 10.08 -16.20 -5.86
CA LEU A 5 10.80 -15.40 -6.84
C LEU A 5 11.86 -16.24 -7.58
N TRP A 6 11.70 -17.56 -7.54
CA TRP A 6 12.60 -18.45 -8.30
C TRP A 6 12.54 -18.17 -9.80
N LYS A 7 11.35 -17.79 -10.25
N LYS A 7 11.35 -17.82 -10.28
CA LYS A 7 11.07 -17.46 -11.64
CA LYS A 7 11.17 -17.41 -11.65
C LYS A 7 10.46 -16.07 -11.63
C LYS A 7 10.46 -16.07 -11.65
N ARG A 8 10.38 -15.46 -12.81
CA ARG A 8 9.69 -14.17 -12.96
C ARG A 8 8.25 -14.31 -12.48
N PRO A 9 7.79 -13.36 -11.64
CA PRO A 9 6.44 -13.41 -11.06
C PRO A 9 5.42 -12.89 -12.08
N LEU A 10 5.14 -13.73 -13.06
CA LEU A 10 4.22 -13.41 -14.15
C LEU A 10 2.82 -13.88 -13.79
N VAL A 11 1.83 -13.05 -14.05
CA VAL A 11 0.43 -13.36 -13.80
C VAL A 11 -0.39 -12.95 -15.03
N THR A 12 -1.56 -13.55 -15.22
CA THR A 12 -2.45 -13.09 -16.28
C THR A 12 -3.35 -11.99 -15.71
N ILE A 13 -3.45 -10.87 -16.42
CA ILE A 13 -4.36 -9.82 -16.06
C ILE A 13 -5.44 -9.74 -17.14
N ARG A 14 -6.55 -9.11 -16.80
N ARG A 14 -6.52 -9.07 -16.79
CA ARG A 14 -7.63 -8.87 -17.75
CA ARG A 14 -7.67 -8.86 -17.68
C ARG A 14 -7.91 -7.37 -17.82
C ARG A 14 -7.92 -7.36 -17.81
N ILE A 15 -7.97 -6.85 -19.04
CA ILE A 15 -8.21 -5.47 -19.26
C ILE A 15 -9.24 -5.49 -20.38
N GLY A 16 -10.46 -5.09 -20.03
N GLY A 16 -10.49 -5.30 -19.97
CA GLY A 16 -11.60 -5.03 -20.96
CA GLY A 16 -11.67 -5.54 -20.81
C GLY A 16 -11.70 -6.11 -22.02
C GLY A 16 -11.88 -6.99 -21.22
N GLY A 17 -11.78 -7.36 -21.59
N GLY A 17 -11.97 -7.19 -22.53
CA GLY A 17 -11.97 -8.49 -22.51
CA GLY A 17 -12.03 -8.54 -23.04
C GLY A 17 -10.71 -9.12 -23.08
C GLY A 17 -10.66 -9.14 -23.29
N GLN A 18 -9.58 -8.46 -22.85
CA GLN A 18 -8.25 -8.92 -23.28
C GLN A 18 -7.49 -9.53 -22.11
N LEU A 19 -6.86 -10.67 -22.36
CA LEU A 19 -5.92 -11.27 -21.43
C LEU A 19 -4.53 -10.84 -21.79
N LYS A 20 -3.73 -10.51 -20.78
CA LYS A 20 -2.33 -10.22 -20.98
C LYS A 20 -1.52 -10.85 -19.85
N GLU A 21 -0.30 -11.25 -20.17
CA GLU A 21 0.65 -11.76 -19.18
C GLU A 21 1.44 -10.54 -18.70
N ALA A 22 1.55 -10.37 -17.38
CA ALA A 22 2.28 -9.21 -16.84
C ALA A 22 3.14 -9.58 -15.64
N LEU A 23 4.19 -8.77 -15.45
CA LEU A 23 5.20 -9.02 -14.42
C LEU A 23 4.94 -8.17 -13.18
N LEU A 24 4.77 -8.80 -12.03
CA LEU A 24 4.58 -8.07 -10.79
C LEU A 24 5.92 -7.48 -10.38
N ASN A 25 6.05 -6.15 -10.46
CA ASN A 25 7.34 -5.48 -10.47
C ASN A 25 7.46 -4.39 -9.38
N THR A 26 8.04 -4.78 -8.24
CA THR A 26 8.30 -3.82 -7.18
C THR A 26 9.32 -2.72 -7.53
N GLY A 27 10.09 -2.89 -8.63
CA GLY A 27 11.00 -1.88 -9.15
C GLY A 27 10.39 -0.91 -10.13
N ALA A 28 9.07 -0.97 -10.29
CA ALA A 28 8.38 -0.04 -11.20
C ALA A 28 7.40 0.84 -10.43
N ASP A 29 7.50 2.15 -10.64
CA ASP A 29 6.58 3.08 -9.99
C ASP A 29 5.20 2.89 -10.59
N ASP A 30 5.16 2.61 -11.91
CA ASP A 30 3.94 2.67 -12.72
C ASP A 30 3.70 1.34 -13.43
N THR A 31 2.50 1.20 -13.97
CA THR A 31 2.10 0.03 -14.73
C THR A 31 2.20 0.35 -16.22
N VAL A 32 2.92 -0.49 -16.96
CA VAL A 32 3.16 -0.23 -18.39
C VAL A 32 2.85 -1.46 -19.20
N LEU A 33 2.00 -1.31 -20.21
CA LEU A 33 1.65 -2.41 -21.09
C LEU A 33 2.17 -2.14 -22.48
N GLU A 34 2.47 -3.22 -23.21
CA GLU A 34 2.93 -3.14 -24.58
C GLU A 34 1.87 -2.47 -25.44
N GLU A 35 2.27 -1.96 -26.60
N GLU A 35 2.27 -1.92 -26.59
CA GLU A 35 1.37 -1.22 -27.49
CA GLU A 35 1.35 -1.12 -27.38
C GLU A 35 0.03 -1.92 -27.64
C GLU A 35 0.05 -1.87 -27.65
N MET A 36 -1.05 -1.17 -27.44
CA MET A 36 -2.39 -1.69 -27.60
C MET A 36 -3.31 -0.47 -27.70
N ASN A 37 -4.54 -0.71 -28.15
CA ASN A 37 -5.54 0.35 -28.16
C ASN A 37 -6.33 0.38 -26.85
N LEU A 38 -6.62 1.58 -26.36
CA LEU A 38 -7.44 1.81 -25.17
C LEU A 38 -8.34 3.01 -25.43
N PRO A 39 -9.55 3.01 -24.86
CA PRO A 39 -10.46 4.14 -25.07
C PRO A 39 -10.20 5.36 -24.18
N GLY A 40 -10.64 6.50 -24.67
CA GLY A 40 -10.53 7.75 -23.92
C GLY A 40 -9.27 8.53 -24.22
N LYS A 41 -9.16 9.65 -23.54
CA LYS A 41 -8.05 10.56 -23.76
C LYS A 41 -6.79 10.04 -23.09
N TRP A 42 -5.67 10.51 -23.61
CA TRP A 42 -4.37 10.13 -23.12
C TRP A 42 -3.41 11.28 -23.32
N LYS A 43 -2.31 11.26 -22.60
N LYS A 43 -2.31 11.26 -22.60
CA LYS A 43 -1.27 12.25 -22.84
CA LYS A 43 -1.27 12.26 -22.85
C LYS A 43 0.09 11.57 -22.88
C LYS A 43 0.09 11.58 -22.86
N PRO A 44 1.03 12.17 -23.62
CA PRO A 44 2.34 11.54 -23.71
C PRO A 44 3.13 11.72 -22.41
N LYS A 45 3.99 10.77 -22.16
CA LYS A 45 4.81 10.76 -20.95
C LYS A 45 6.12 10.10 -21.32
N MET A 46 7.22 10.48 -20.65
CA MET A 46 8.48 9.78 -20.78
C MET A 46 8.74 9.04 -19.47
N ILE A 47 9.10 7.77 -19.58
CA ILE A 47 9.45 6.98 -18.42
C ILE A 47 10.80 6.37 -18.63
N GLY A 48 11.50 6.18 -17.52
CA GLY A 48 12.88 5.72 -17.58
C GLY A 48 13.06 4.38 -16.96
N GLY A 49 14.11 3.68 -17.38
CA GLY A 49 14.41 2.36 -16.87
C GLY A 49 15.90 2.16 -17.01
N VAL A 50 16.32 0.91 -16.83
N VAL A 50 16.32 0.90 -16.95
CA VAL A 50 17.64 0.50 -17.24
CA VAL A 50 17.73 0.56 -16.91
C VAL A 50 17.65 0.71 -18.75
C VAL A 50 18.48 1.01 -18.17
N GLY A 51 18.67 1.40 -19.24
N GLY A 51 17.79 1.07 -19.31
CA GLY A 51 18.83 1.60 -20.68
CA GLY A 51 18.42 1.40 -20.59
C GLY A 51 18.14 2.83 -21.25
C GLY A 51 18.26 2.82 -21.13
N GLY A 52 17.52 3.65 -20.39
CA GLY A 52 17.14 4.99 -20.78
C GLY A 52 15.65 5.22 -20.70
N PHE A 53 15.16 6.14 -21.53
CA PHE A 53 13.74 6.48 -21.55
C PHE A 53 12.99 5.99 -22.78
N ILE A 54 11.69 5.80 -22.57
CA ILE A 54 10.75 5.53 -23.66
C ILE A 54 9.54 6.46 -23.53
N LYS A 55 8.95 6.76 -24.68
CA LYS A 55 7.73 7.50 -24.78
C LYS A 55 6.55 6.56 -24.66
N VAL A 56 5.61 6.92 -23.81
CA VAL A 56 4.39 6.14 -23.59
C VAL A 56 3.18 7.07 -23.64
N ARG A 57 2.00 6.49 -23.85
CA ARG A 57 0.74 7.20 -23.66
C ARG A 57 0.21 6.89 -22.27
N GLN A 58 -0.23 7.92 -21.58
CA GLN A 58 -0.79 7.79 -20.25
C GLN A 58 -2.31 7.81 -20.27
N TYR A 59 -2.93 6.70 -19.85
CA TYR A 59 -4.40 6.62 -19.70
C TYR A 59 -4.76 6.49 -18.25
N ASP A 60 -5.68 7.34 -17.79
CA ASP A 60 -6.06 7.33 -16.39
C ASP A 60 -7.38 6.57 -16.12
N GLN A 61 -7.53 6.11 -14.87
N GLN A 61 -7.53 6.10 -14.88
CA GLN A 61 -8.77 5.45 -14.42
CA GLN A 61 -8.77 5.46 -14.43
C GLN A 61 -9.22 4.26 -15.28
C GLN A 61 -9.22 4.26 -15.28
N ILE A 62 -8.29 3.36 -15.54
CA ILE A 62 -8.57 2.18 -16.29
C ILE A 62 -8.79 1.03 -15.30
N PRO A 63 -9.89 0.32 -15.45
CA PRO A 63 -10.12 -0.86 -14.64
C PRO A 63 -9.38 -2.09 -15.17
N ILE A 64 -8.70 -2.81 -14.27
CA ILE A 64 -7.95 -4.03 -14.60
C ILE A 64 -8.22 -5.07 -13.52
N GLU A 65 -8.26 -6.32 -13.92
CA GLU A 65 -8.39 -7.43 -12.98
C GLU A 65 -7.06 -8.17 -12.91
N ILE A 66 -6.56 -8.34 -11.69
CA ILE A 66 -5.22 -8.93 -11.46
C ILE A 66 -5.35 -9.94 -10.34
N CYS A 67 -5.16 -11.22 -10.65
CA CYS A 67 -5.30 -12.28 -9.63
C CYS A 67 -6.57 -12.20 -8.79
N GLY A 68 -7.68 -11.96 -9.47
CA GLY A 68 -8.99 -11.91 -8.86
C GLY A 68 -9.31 -10.58 -8.20
N HIS A 69 -8.37 -9.63 -8.22
CA HIS A 69 -8.60 -8.31 -7.65
C HIS A 69 -8.97 -7.29 -8.70
N LYS A 70 -10.12 -6.68 -8.53
CA LYS A 70 -10.58 -5.62 -9.44
C LYS A 70 -10.07 -4.26 -8.96
N VAL A 71 -9.14 -3.66 -9.72
CA VAL A 71 -8.50 -2.40 -9.37
C VAL A 71 -8.73 -1.35 -10.47
N ILE A 72 -8.42 -0.11 -10.15
CA ILE A 72 -8.54 1.01 -11.12
C ILE A 72 -7.35 1.93 -10.99
N GLY A 73 -6.67 2.24 -12.09
CA GLY A 73 -5.62 3.24 -11.97
C GLY A 73 -5.07 3.65 -13.32
N THR A 74 -3.95 4.36 -13.29
CA THR A 74 -3.28 4.80 -14.49
C THR A 74 -2.57 3.61 -15.17
N VAL A 75 -2.70 3.51 -16.48
CA VAL A 75 -2.02 2.51 -17.27
C VAL A 75 -1.23 3.27 -18.33
N LEU A 76 0.06 2.99 -18.43
CA LEU A 76 0.88 3.54 -19.51
C LEU A 76 1.02 2.51 -20.61
N VAL A 77 1.02 2.95 -21.88
CA VAL A 77 1.12 2.06 -23.00
C VAL A 77 2.28 2.49 -23.89
N GLY A 78 3.21 1.58 -24.16
CA GLY A 78 4.32 1.87 -25.04
C GLY A 78 5.30 0.74 -25.09
N PRO A 79 6.51 0.97 -25.62
CA PRO A 79 7.39 -0.13 -25.96
C PRO A 79 8.20 -0.72 -24.81
N THR A 80 7.52 -1.08 -23.73
CA THR A 80 8.14 -1.92 -22.74
C THR A 80 8.36 -3.35 -23.30
N PRO A 81 9.50 -3.97 -22.99
CA PRO A 81 9.73 -5.34 -23.48
C PRO A 81 8.81 -6.38 -22.89
N VAL A 82 8.26 -6.09 -21.70
N VAL A 82 8.23 -6.07 -21.73
CA VAL A 82 7.29 -6.98 -21.06
CA VAL A 82 7.29 -6.96 -21.07
C VAL A 82 6.25 -6.12 -20.37
C VAL A 82 6.25 -6.11 -20.36
N ASN A 83 5.01 -6.62 -20.29
CA ASN A 83 3.99 -5.93 -19.53
C ASN A 83 4.36 -5.91 -18.06
N ILE A 84 4.16 -4.76 -17.41
N ILE A 84 4.24 -4.76 -17.40
CA ILE A 84 4.61 -4.53 -16.04
CA ILE A 84 4.62 -4.69 -15.99
C ILE A 84 3.49 -4.03 -15.15
C ILE A 84 3.53 -4.05 -15.15
N ILE A 85 3.28 -4.69 -14.01
CA ILE A 85 2.37 -4.17 -12.98
C ILE A 85 3.24 -3.51 -11.93
N GLY A 86 3.11 -2.19 -11.78
CA GLY A 86 3.93 -1.41 -10.90
C GLY A 86 3.26 -1.12 -9.57
N ARG A 87 3.96 -0.37 -8.73
CA ARG A 87 3.49 -0.08 -7.38
C ARG A 87 2.12 0.61 -7.30
N ASN A 88 1.78 1.42 -8.31
CA ASN A 88 0.47 2.10 -8.34
C ASN A 88 -0.69 1.10 -8.25
N LEU A 89 -0.53 -0.09 -8.83
CA LEU A 89 -1.53 -1.15 -8.71
C LEU A 89 -1.19 -2.23 -7.66
N LEU A 90 0.09 -2.49 -7.40
CA LEU A 90 0.44 -3.45 -6.38
C LEU A 90 -0.08 -2.99 -5.01
N THR A 91 -0.10 -1.69 -4.75
CA THR A 91 -0.61 -1.21 -3.46
C THR A 91 -2.11 -1.47 -3.35
N GLN A 92 -2.81 -1.46 -4.49
CA GLN A 92 -4.27 -1.64 -4.47
C GLN A 92 -4.66 -3.07 -4.18
N ILE A 93 -3.84 -4.03 -4.59
CA ILE A 93 -4.11 -5.42 -4.28
C ILE A 93 -3.58 -5.83 -2.90
N GLY A 94 -2.89 -4.93 -2.21
CA GLY A 94 -2.40 -5.21 -0.86
C GLY A 94 -1.09 -5.98 -0.83
N CYS A 95 -0.28 -5.82 -1.88
CA CYS A 95 0.95 -6.57 -2.05
C CYS A 95 2.08 -6.06 -1.16
N THR A 96 2.77 -6.96 -0.47
CA THR A 96 3.95 -6.61 0.30
C THR A 96 5.09 -7.55 -0.10
N LEU A 97 6.32 -7.09 0.14
CA LEU A 97 7.49 -7.94 0.05
C LEU A 97 7.85 -8.45 1.44
N ASN A 98 7.84 -9.77 1.61
CA ASN A 98 8.02 -10.41 2.91
C ASN A 98 9.30 -11.22 2.98
N PHE A 99 10.00 -11.10 4.08
CA PHE A 99 11.15 -12.00 4.33
C PHE A 99 11.42 -12.07 5.82
N PRO B 1 10.67 -8.86 7.87
CA PRO B 1 9.85 -7.67 7.69
C PRO B 1 8.77 -7.87 6.63
N GLN B 2 7.81 -6.96 6.60
CA GLN B 2 6.80 -6.88 5.54
C GLN B 2 6.82 -5.47 4.96
N ILE B 3 7.33 -5.36 3.74
CA ILE B 3 7.58 -4.06 3.15
C ILE B 3 6.43 -3.68 2.23
N THR B 4 5.83 -2.53 2.53
CA THR B 4 4.73 -2.05 1.74
C THR B 4 5.33 -1.31 0.57
N LEU B 5 4.47 -0.95 -0.37
CA LEU B 5 4.90 -0.44 -1.64
C LEU B 5 4.39 0.96 -1.97
N TRP B 6 4.02 1.72 -0.94
CA TRP B 6 3.63 3.11 -1.12
C TRP B 6 4.80 3.97 -1.54
N LYS B 7 5.99 3.62 -1.06
CA LYS B 7 7.22 4.24 -1.50
C LYS B 7 8.07 3.16 -2.17
N ARG B 8 9.09 3.59 -2.90
CA ARG B 8 10.05 2.66 -3.46
C ARG B 8 10.67 1.84 -2.33
N PRO B 9 10.75 0.49 -2.50
CA PRO B 9 11.33 -0.38 -1.44
C PRO B 9 12.84 -0.32 -1.45
N LEU B 10 13.37 0.78 -0.93
CA LEU B 10 14.81 0.99 -0.81
C LEU B 10 15.34 0.49 0.53
N VAL B 11 16.51 -0.14 0.48
CA VAL B 11 17.19 -0.63 1.67
C VAL B 11 18.64 -0.28 1.58
N THR B 12 19.33 -0.29 2.74
CA THR B 12 20.76 -0.16 2.77
C THR B 12 21.40 -1.55 2.61
N ILE B 13 22.38 -1.65 1.74
CA ILE B 13 23.19 -2.86 1.64
C ILE B 13 24.63 -2.52 1.97
N ARG B 14 25.40 -3.54 2.32
CA ARG B 14 26.80 -3.39 2.64
C ARG B 14 27.55 -4.35 1.74
N ILE B 15 28.49 -3.81 0.97
CA ILE B 15 29.31 -4.65 0.12
C ILE B 15 30.75 -4.24 0.40
N GLY B 16 31.42 -5.10 1.16
CA GLY B 16 32.75 -4.83 1.64
C GLY B 16 32.71 -3.66 2.59
N GLY B 17 33.51 -2.66 2.29
CA GLY B 17 33.56 -1.47 3.12
C GLY B 17 32.56 -0.42 2.71
N GLN B 18 31.70 -0.70 1.72
CA GLN B 18 30.79 0.32 1.21
C GLN B 18 29.35 0.07 1.59
N LEU B 19 28.68 1.13 2.04
CA LEU B 19 27.25 1.12 2.31
C LEU B 19 26.55 1.80 1.15
N LYS B 20 25.49 1.18 0.63
CA LYS B 20 24.76 1.71 -0.51
C LYS B 20 23.27 1.55 -0.29
N GLU B 21 22.48 2.42 -0.93
CA GLU B 21 21.05 2.29 -1.03
C GLU B 21 20.74 1.50 -2.32
N ALA B 22 19.83 0.55 -2.20
CA ALA B 22 19.41 -0.33 -3.30
C ALA B 22 17.90 -0.62 -3.25
N LEU B 23 17.37 -0.87 -4.43
CA LEU B 23 15.96 -1.13 -4.65
C LEU B 23 15.64 -2.63 -4.69
N LEU B 24 14.78 -3.13 -3.82
CA LEU B 24 14.34 -4.52 -3.85
C LEU B 24 13.38 -4.72 -5.03
N ASN B 25 13.84 -5.40 -6.07
CA ASN B 25 13.23 -5.32 -7.39
C ASN B 25 12.82 -6.67 -7.95
N THR B 26 11.55 -7.02 -7.79
CA THR B 26 11.03 -8.27 -8.31
C THR B 26 10.98 -8.32 -9.82
N GLY B 27 11.10 -7.16 -10.48
CA GLY B 27 11.14 -7.06 -11.94
C GLY B 27 12.52 -7.22 -12.54
N ALA B 28 13.53 -7.54 -11.72
CA ALA B 28 14.90 -7.74 -12.19
C ALA B 28 15.33 -9.19 -11.95
N ASP B 29 15.85 -9.85 -13.00
CA ASP B 29 16.36 -11.19 -12.80
C ASP B 29 17.61 -11.19 -11.92
N ASP B 30 18.44 -10.16 -12.09
CA ASP B 30 19.78 -10.10 -11.57
C ASP B 30 19.96 -8.85 -10.72
N THR B 31 21.06 -8.81 -9.96
CA THR B 31 21.41 -7.68 -9.14
C THR B 31 22.43 -6.84 -9.92
N VAL B 32 22.17 -5.54 -10.00
CA VAL B 32 23.02 -4.59 -10.75
C VAL B 32 23.34 -3.42 -9.86
N LEU B 33 24.64 -3.19 -9.66
CA LEU B 33 25.09 -2.05 -8.88
C LEU B 33 25.75 -1.00 -9.77
N GLU B 34 25.70 0.25 -9.33
CA GLU B 34 26.33 1.37 -10.02
C GLU B 34 27.82 1.11 -10.11
N GLU B 35 28.50 1.78 -11.03
N GLU B 35 28.50 1.79 -11.02
CA GLU B 35 29.92 1.51 -11.29
CA GLU B 35 29.92 1.50 -11.28
C GLU B 35 30.77 1.48 -10.01
C GLU B 35 30.77 1.48 -10.01
N MET B 36 31.60 0.45 -9.88
CA MET B 36 32.50 0.26 -8.73
C MET B 36 33.57 -0.77 -9.06
N ASN B 37 34.59 -0.85 -8.21
CA ASN B 37 35.79 -1.59 -8.53
C ASN B 37 35.98 -2.87 -7.73
N LEU B 38 35.18 -3.87 -8.06
CA LEU B 38 35.23 -5.15 -7.36
C LEU B 38 36.46 -5.99 -7.70
N PRO B 39 36.98 -6.74 -6.70
CA PRO B 39 38.05 -7.71 -6.89
C PRO B 39 37.66 -8.89 -7.79
N GLY B 40 38.64 -9.46 -8.47
CA GLY B 40 38.45 -10.72 -9.18
C GLY B 40 38.08 -10.56 -10.64
N LYS B 41 38.01 -11.69 -11.34
CA LYS B 41 37.66 -11.73 -12.75
C LYS B 41 36.23 -11.23 -12.95
N TRP B 42 35.90 -10.90 -14.19
CA TRP B 42 34.55 -10.51 -14.57
C TRP B 42 34.35 -10.74 -16.07
N LYS B 43 33.13 -11.14 -16.44
CA LYS B 43 32.74 -11.30 -17.85
C LYS B 43 31.83 -10.14 -18.23
N PRO B 44 32.06 -9.47 -19.38
CA PRO B 44 31.13 -8.44 -19.81
C PRO B 44 29.81 -9.07 -20.21
N LYS B 45 28.74 -8.32 -20.09
CA LYS B 45 27.41 -8.87 -20.26
C LYS B 45 26.51 -7.75 -20.70
N MET B 46 25.42 -8.09 -21.40
CA MET B 46 24.39 -7.13 -21.77
C MET B 46 23.08 -7.47 -21.07
N ILE B 47 22.44 -6.45 -20.51
CA ILE B 47 21.15 -6.62 -19.91
C ILE B 47 20.18 -5.62 -20.49
N GLY B 48 18.92 -6.02 -20.51
CA GLY B 48 17.87 -5.22 -21.12
C GLY B 48 16.86 -4.80 -20.09
N GLY B 49 16.26 -3.65 -20.33
CA GLY B 49 15.20 -3.14 -19.49
C GLY B 49 14.32 -2.24 -20.33
N VAL B 50 13.61 -1.36 -19.65
N VAL B 50 13.52 -1.43 -19.66
CA VAL B 50 12.54 -0.58 -20.26
CA VAL B 50 12.80 -0.36 -20.34
C VAL B 50 12.98 0.31 -21.41
C VAL B 50 13.87 0.60 -20.82
N GLY B 51 14.19 0.84 -21.35
N GLY B 51 13.76 1.04 -22.06
CA GLY B 51 14.66 1.79 -22.38
CA GLY B 51 14.74 1.96 -22.59
C GLY B 51 15.64 1.22 -23.41
C GLY B 51 15.76 1.25 -23.47
N GLY B 52 15.95 -0.05 -23.26
CA GLY B 52 16.87 -0.80 -24.11
C GLY B 52 17.90 -1.51 -23.26
N PHE B 53 19.10 -1.69 -23.82
CA PHE B 53 20.11 -2.52 -23.17
C PHE B 53 21.28 -1.69 -22.65
N ILE B 54 21.93 -2.17 -21.59
CA ILE B 54 23.21 -1.61 -21.16
C ILE B 54 24.24 -2.71 -21.02
N LYS B 55 25.50 -2.30 -20.99
CA LYS B 55 26.61 -3.21 -20.83
C LYS B 55 27.08 -3.19 -19.39
N VAL B 56 27.33 -4.37 -18.86
CA VAL B 56 27.75 -4.49 -17.46
C VAL B 56 28.86 -5.49 -17.31
N ARG B 57 29.49 -5.45 -16.15
CA ARG B 57 30.50 -6.43 -15.77
C ARG B 57 29.93 -7.42 -14.77
N GLN B 58 30.06 -8.71 -15.06
CA GLN B 58 29.57 -9.76 -14.18
C GLN B 58 30.67 -10.33 -13.28
N TYR B 59 30.45 -10.20 -11.98
CA TYR B 59 31.30 -10.77 -10.95
C TYR B 59 30.50 -11.86 -10.23
N ASP B 60 31.15 -12.99 -9.94
CA ASP B 60 30.47 -14.09 -9.30
C ASP B 60 30.90 -14.24 -7.85
N GLN B 61 30.02 -14.83 -7.05
CA GLN B 61 30.30 -15.20 -5.68
C GLN B 61 30.82 -14.04 -4.85
N ILE B 62 30.08 -12.94 -4.91
CA ILE B 62 30.38 -11.72 -4.17
C ILE B 62 29.48 -11.71 -2.92
N PRO B 63 30.05 -11.51 -1.73
CA PRO B 63 29.23 -11.41 -0.52
C PRO B 63 28.63 -10.01 -0.35
N ILE B 64 27.36 -9.96 0.05
CA ILE B 64 26.66 -8.69 0.32
C ILE B 64 25.78 -8.93 1.54
N GLU B 65 25.66 -7.91 2.39
CA GLU B 65 24.72 -7.97 3.51
C GLU B 65 23.52 -7.08 3.18
N ILE B 66 22.34 -7.67 3.26
CA ILE B 66 21.07 -7.02 2.89
C ILE B 66 20.06 -7.29 4.03
N CYS B 67 19.60 -6.22 4.68
CA CYS B 67 18.65 -6.32 5.81
C CYS B 67 19.03 -7.39 6.83
N GLY B 68 20.29 -7.41 7.22
CA GLY B 68 20.81 -8.37 8.20
C GLY B 68 20.93 -9.81 7.70
N HIS B 69 20.81 -10.01 6.39
CA HIS B 69 21.02 -11.32 5.78
C HIS B 69 22.30 -11.27 5.00
N LYS B 70 23.17 -12.26 5.19
CA LYS B 70 24.36 -12.35 4.38
C LYS B 70 24.07 -13.22 3.16
N VAL B 71 24.28 -12.67 1.98
CA VAL B 71 24.07 -13.42 0.73
C VAL B 71 25.39 -13.47 -0.02
N ILE B 72 25.55 -14.46 -0.89
CA ILE B 72 26.75 -14.59 -1.72
C ILE B 72 26.32 -15.04 -3.11
N GLY B 73 26.53 -14.19 -4.09
CA GLY B 73 26.13 -14.52 -5.44
C GLY B 73 26.62 -13.56 -6.49
N THR B 74 25.97 -13.60 -7.64
CA THR B 74 26.40 -12.85 -8.79
C THR B 74 25.95 -11.41 -8.70
N VAL B 75 26.87 -10.50 -9.01
CA VAL B 75 26.62 -9.09 -8.98
C VAL B 75 27.09 -8.53 -10.31
N LEU B 76 26.19 -7.79 -10.94
CA LEU B 76 26.48 -7.08 -12.18
C LEU B 76 26.81 -5.64 -11.83
N VAL B 77 27.76 -5.04 -12.54
CA VAL B 77 28.17 -3.66 -12.25
C VAL B 77 28.19 -2.84 -13.54
N GLY B 78 27.56 -1.68 -13.53
CA GLY B 78 27.38 -0.89 -14.74
C GLY B 78 26.55 0.35 -14.53
N PRO B 79 26.21 1.03 -15.63
CA PRO B 79 25.54 2.31 -15.58
C PRO B 79 24.04 2.21 -15.30
N THR B 80 23.68 1.49 -14.24
CA THR B 80 22.29 1.41 -13.84
C THR B 80 21.87 2.73 -13.17
N PRO B 81 20.62 3.17 -13.37
CA PRO B 81 20.20 4.41 -12.73
C PRO B 81 20.09 4.35 -11.21
N VAL B 82 19.89 3.13 -10.69
CA VAL B 82 19.71 2.89 -9.25
C VAL B 82 20.31 1.53 -9.00
N ASN B 83 20.86 1.34 -7.82
CA ASN B 83 21.33 0.01 -7.40
C ASN B 83 20.12 -0.87 -7.26
N ILE B 84 20.18 -2.07 -7.85
CA ILE B 84 19.05 -2.98 -7.91
C ILE B 84 19.39 -4.32 -7.26
N ILE B 85 18.55 -4.77 -6.34
CA ILE B 85 18.64 -6.15 -5.85
C ILE B 85 17.58 -6.95 -6.60
N GLY B 86 18.03 -7.88 -7.43
CA GLY B 86 17.16 -8.71 -8.24
C GLY B 86 16.87 -10.06 -7.61
N ARG B 87 16.10 -10.87 -8.33
CA ARG B 87 15.58 -12.11 -7.80
C ARG B 87 16.69 -13.10 -7.43
N ASN B 88 17.86 -13.01 -8.05
CA ASN B 88 18.96 -13.91 -7.70
C ASN B 88 19.36 -13.75 -6.24
N LEU B 89 19.31 -12.52 -5.72
CA LEU B 89 19.59 -12.30 -4.30
C LEU B 89 18.34 -12.22 -3.43
N LEU B 90 17.22 -11.77 -4.00
CA LEU B 90 15.97 -11.80 -3.24
C LEU B 90 15.63 -13.20 -2.80
N THR B 91 15.89 -14.20 -3.63
CA THR B 91 15.63 -15.57 -3.19
C THR B 91 16.55 -16.00 -2.06
N GLN B 92 17.78 -15.47 -2.00
CA GLN B 92 18.72 -15.88 -0.94
C GLN B 92 18.31 -15.32 0.42
N ILE B 93 17.60 -14.20 0.45
CA ILE B 93 17.07 -13.69 1.72
C ILE B 93 15.68 -14.23 2.07
N GLY B 94 15.10 -15.04 1.17
CA GLY B 94 13.80 -15.66 1.40
C GLY B 94 12.62 -14.75 1.13
N CYS B 95 12.77 -13.84 0.17
N CYS B 95 12.77 -13.83 0.19
CA CYS B 95 11.70 -12.90 -0.20
CA CYS B 95 11.73 -12.84 -0.11
C CYS B 95 10.58 -13.53 -1.00
C CYS B 95 10.62 -13.41 -1.02
N THR B 96 9.36 -13.12 -0.67
CA THR B 96 8.20 -13.53 -1.46
C THR B 96 7.36 -12.27 -1.63
N LEU B 97 6.48 -12.29 -2.64
CA LEU B 97 5.39 -11.32 -2.78
C LEU B 97 4.14 -11.94 -2.17
N ASN B 98 3.44 -11.16 -1.37
CA ASN B 98 2.25 -11.62 -0.70
C ASN B 98 1.11 -10.65 -0.85
N PHE B 99 -0.06 -11.21 -1.16
CA PHE B 99 -1.31 -10.45 -1.12
C PHE B 99 -2.52 -11.37 -0.96
N PRO C 1 -25.65 13.30 21.47
CA PRO C 1 -25.16 12.23 22.33
C PRO C 1 -23.66 12.29 22.58
N GLN C 2 -23.22 11.66 23.67
CA GLN C 2 -21.83 11.27 23.83
C GLN C 2 -21.76 9.77 23.59
N ILE C 3 -20.78 9.35 22.81
CA ILE C 3 -20.56 7.94 22.54
C ILE C 3 -19.18 7.55 23.08
N THR C 4 -19.17 6.64 24.05
CA THR C 4 -17.93 6.16 24.63
C THR C 4 -17.28 5.12 23.68
N LEU C 5 -16.06 4.71 23.98
CA LEU C 5 -15.30 3.85 23.03
C LEU C 5 -14.91 2.46 23.58
N TRP C 6 -15.57 1.99 24.65
CA TRP C 6 -15.32 0.63 25.18
C TRP C 6 -15.69 -0.44 24.19
N LYS C 7 -16.78 -0.20 23.48
CA LYS C 7 -17.17 -1.05 22.40
C LYS C 7 -17.04 -0.24 21.11
N ARG C 8 -17.17 -0.94 20.01
CA ARG C 8 -17.17 -0.30 18.69
C ARG C 8 -18.34 0.67 18.62
N PRO C 9 -18.08 1.92 18.17
CA PRO C 9 -19.14 2.93 18.13
C PRO C 9 -20.11 2.67 16.98
N LEU C 10 -20.93 1.63 17.15
CA LEU C 10 -21.98 1.29 16.23
C LEU C 10 -23.22 2.10 16.58
N VAL C 11 -23.89 2.59 15.55
CA VAL C 11 -25.08 3.41 15.71
C VAL C 11 -26.04 2.99 14.60
N THR C 12 -27.31 3.35 14.77
CA THR C 12 -28.28 3.07 13.76
C THR C 12 -28.45 4.29 12.88
N ILE C 13 -28.55 4.03 11.58
CA ILE C 13 -28.80 5.03 10.59
C ILE C 13 -30.10 4.70 9.88
N ARG C 14 -30.69 5.69 9.22
CA ARG C 14 -31.82 5.47 8.34
C ARG C 14 -31.51 6.00 6.95
N ILE C 15 -31.66 5.15 5.96
CA ILE C 15 -31.31 5.53 4.59
C ILE C 15 -32.37 4.94 3.68
N GLY C 16 -32.98 5.81 2.88
CA GLY C 16 -34.19 5.45 2.12
C GLY C 16 -35.24 4.80 3.02
N GLY C 17 -35.39 5.31 4.24
CA GLY C 17 -36.39 4.78 5.17
C GLY C 17 -36.10 3.43 5.80
N GLN C 18 -34.89 2.88 5.58
CA GLN C 18 -34.49 1.58 6.14
C GLN C 18 -33.45 1.78 7.25
N LEU C 19 -33.56 1.02 8.34
CA LEU C 19 -32.61 1.08 9.44
C LEU C 19 -31.45 0.11 9.24
N LYS C 20 -30.22 0.57 9.51
CA LYS C 20 -28.98 -0.23 9.40
C LYS C 20 -28.07 0.17 10.55
N GLU C 21 -27.13 -0.70 10.93
CA GLU C 21 -26.11 -0.33 11.90
C GLU C 21 -24.81 0.03 11.16
N ALA C 22 -24.16 1.07 11.65
CA ALA C 22 -22.95 1.63 11.04
C ALA C 22 -21.94 2.10 12.09
N LEU C 23 -20.67 1.95 11.75
CA LEU C 23 -19.58 2.30 12.64
C LEU C 23 -19.11 3.76 12.42
N LEU C 24 -19.08 4.54 13.49
CA LEU C 24 -18.59 5.92 13.46
C LEU C 24 -17.05 5.87 13.45
N ASN C 25 -16.45 6.26 12.32
CA ASN C 25 -15.05 5.98 12.05
C ASN C 25 -14.23 7.22 11.72
N THR C 26 -13.59 7.80 12.72
CA THR C 26 -12.78 9.00 12.55
C THR C 26 -11.51 8.69 11.73
N GLY C 27 -11.25 7.41 11.52
CA GLY C 27 -10.18 6.92 10.64
C GLY C 27 -10.56 6.75 9.18
N ALA C 28 -11.77 7.16 8.81
CA ALA C 28 -12.20 7.09 7.40
C ALA C 28 -12.50 8.46 6.89
N ASP C 29 -11.90 8.82 5.76
CA ASP C 29 -12.21 10.07 5.12
C ASP C 29 -13.65 10.13 4.63
N ASP C 30 -14.14 8.97 4.16
N ASP C 30 -14.13 8.98 4.13
CA ASP C 30 -15.39 8.88 3.43
CA ASP C 30 -15.37 8.84 3.39
C ASP C 30 -16.28 7.78 4.02
C ASP C 30 -16.29 7.81 4.04
N THR C 31 -17.55 7.82 3.61
CA THR C 31 -18.59 6.95 4.14
C THR C 31 -18.82 5.82 3.13
N VAL C 32 -18.81 4.58 3.61
CA VAL C 32 -19.09 3.41 2.75
C VAL C 32 -20.07 2.47 3.41
N LEU C 33 -21.09 2.09 2.64
CA LEU C 33 -22.14 1.20 3.06
C LEU C 33 -22.08 -0.10 2.28
N GLU C 34 -22.54 -1.15 2.96
CA GLU C 34 -22.65 -2.48 2.40
C GLU C 34 -23.56 -2.40 1.18
N GLU C 35 -23.42 -3.37 0.27
N GLU C 35 -23.41 -3.35 0.25
CA GLU C 35 -24.13 -3.34 -1.01
CA GLU C 35 -24.11 -3.27 -1.03
C GLU C 35 -25.62 -3.05 -0.82
C GLU C 35 -25.61 -3.05 -0.83
N MET C 36 -26.14 -2.14 -1.64
CA MET C 36 -27.53 -1.74 -1.60
C MET C 36 -27.72 -0.87 -2.82
N ASN C 37 -28.96 -0.56 -3.17
CA ASN C 37 -29.22 0.32 -4.29
C ASN C 37 -29.60 1.71 -3.76
N LEU C 38 -29.10 2.73 -4.45
CA LEU C 38 -29.36 4.12 -4.10
C LEU C 38 -29.75 4.88 -5.35
N PRO C 39 -30.44 6.01 -5.19
CA PRO C 39 -30.86 6.78 -6.34
C PRO C 39 -29.71 7.59 -6.95
N GLY C 40 -29.82 7.86 -8.25
CA GLY C 40 -28.92 8.77 -8.93
C GLY C 40 -27.73 8.11 -9.62
N LYS C 41 -26.94 8.93 -10.31
CA LYS C 41 -25.80 8.47 -11.07
C LYS C 41 -24.67 8.14 -10.09
N TRP C 42 -23.89 7.13 -10.40
CA TRP C 42 -22.70 6.80 -9.59
C TRP C 42 -21.45 6.73 -10.45
N LYS C 43 -20.30 6.70 -9.82
CA LYS C 43 -19.04 6.43 -10.52
C LYS C 43 -18.16 5.49 -9.71
N PRO C 44 -17.36 4.65 -10.40
CA PRO C 44 -16.51 3.69 -9.70
C PRO C 44 -15.33 4.35 -9.03
N LYS C 45 -14.97 3.87 -7.83
CA LYS C 45 -13.85 4.41 -7.07
C LYS C 45 -13.20 3.25 -6.32
N MET C 46 -11.93 3.41 -5.97
CA MET C 46 -11.26 2.46 -5.08
C MET C 46 -11.03 3.10 -3.71
N ILE C 47 -11.22 2.32 -2.66
CA ILE C 47 -10.90 2.78 -1.31
C ILE C 47 -10.16 1.69 -0.56
N GLY C 48 -9.39 2.10 0.41
CA GLY C 48 -8.72 1.12 1.23
C GLY C 48 -8.00 1.69 2.41
N GLY C 49 -7.32 0.79 3.11
CA GLY C 49 -6.61 1.15 4.31
C GLY C 49 -5.82 -0.09 4.64
N VAL C 50 -6.11 -0.68 5.79
CA VAL C 50 -5.40 -1.88 6.21
C VAL C 50 -5.79 -3.01 5.27
N GLY C 51 -4.80 -3.63 4.66
CA GLY C 51 -5.05 -4.80 3.84
C GLY C 51 -5.41 -4.53 2.39
N GLY C 52 -5.27 -3.32 1.89
CA GLY C 52 -5.49 -3.17 0.46
C GLY C 52 -6.84 -2.54 0.20
N PHE C 53 -7.32 -2.66 -1.05
CA PHE C 53 -8.43 -1.83 -1.49
C PHE C 53 -9.62 -2.67 -1.96
N ILE C 54 -10.79 -2.02 -1.96
CA ILE C 54 -12.00 -2.57 -2.54
C ILE C 54 -12.53 -1.53 -3.55
N LYS C 55 -13.24 -2.04 -4.54
CA LYS C 55 -13.92 -1.20 -5.54
C LYS C 55 -15.34 -0.87 -5.08
N VAL C 56 -15.72 0.39 -5.19
CA VAL C 56 -17.03 0.84 -4.71
C VAL C 56 -17.68 1.72 -5.75
N ARG C 57 -18.95 2.04 -5.51
CA ARG C 57 -19.71 2.98 -6.35
C ARG C 57 -19.93 4.25 -5.55
N GLN C 58 -19.60 5.39 -6.13
CA GLN C 58 -19.77 6.67 -5.45
C GLN C 58 -21.07 7.33 -5.89
N TYR C 59 -21.96 7.58 -4.94
CA TYR C 59 -23.20 8.32 -5.17
C TYR C 59 -23.07 9.70 -4.50
N ASP C 60 -23.58 10.74 -5.14
CA ASP C 60 -23.53 12.08 -4.55
C ASP C 60 -24.87 12.55 -3.98
N GLN C 61 -24.81 13.39 -2.96
CA GLN C 61 -25.97 14.12 -2.44
C GLN C 61 -27.08 13.16 -1.98
N ILE C 62 -26.66 12.16 -1.22
CA ILE C 62 -27.53 11.12 -0.66
C ILE C 62 -27.94 11.51 0.75
N PRO C 63 -29.26 11.51 1.03
CA PRO C 63 -29.68 11.78 2.39
C PRO C 63 -29.61 10.54 3.27
N ILE C 64 -29.11 10.72 4.49
CA ILE C 64 -29.08 9.68 5.51
C ILE C 64 -29.42 10.33 6.83
N GLU C 65 -30.03 9.59 7.75
CA GLU C 65 -30.24 10.08 9.09
C GLU C 65 -29.37 9.24 10.02
N ILE C 66 -28.45 9.88 10.73
CA ILE C 66 -27.52 9.21 11.64
C ILE C 66 -27.88 9.60 13.06
N CYS C 67 -28.25 8.61 13.87
CA CYS C 67 -28.67 8.89 15.25
C CYS C 67 -29.65 10.06 15.32
N GLY C 68 -30.58 10.11 14.38
CA GLY C 68 -31.54 11.20 14.29
C GLY C 68 -31.05 12.54 13.75
N HIS C 69 -29.79 12.62 13.30
CA HIS C 69 -29.26 13.84 12.66
C HIS C 69 -29.23 13.66 11.14
N LYS C 70 -29.96 14.52 10.43
N LYS C 70 -29.97 14.52 10.43
CA LYS C 70 -30.06 14.45 8.97
CA LYS C 70 -30.06 14.43 8.97
C LYS C 70 -28.81 15.03 8.29
C LYS C 70 -28.83 15.03 8.28
N VAL C 71 -28.24 14.26 7.36
CA VAL C 71 -27.09 14.69 6.56
C VAL C 71 -27.41 14.41 5.10
N ILE C 72 -26.69 15.08 4.20
CA ILE C 72 -26.83 14.89 2.75
C ILE C 72 -25.46 15.01 2.16
N GLY C 73 -24.94 13.92 1.61
CA GLY C 73 -23.58 13.91 1.18
C GLY C 73 -23.22 12.72 0.35
N THR C 74 -21.92 12.54 0.16
CA THR C 74 -21.41 11.50 -0.70
C THR C 74 -21.40 10.19 0.05
N VAL C 75 -21.92 9.16 -0.60
CA VAL C 75 -21.97 7.84 -0.01
C VAL C 75 -21.41 6.84 -0.98
N LEU C 76 -20.48 6.03 -0.52
CA LEU C 76 -19.91 4.95 -1.29
C LEU C 76 -20.61 3.64 -0.94
N VAL C 77 -20.74 2.76 -1.93
CA VAL C 77 -21.41 1.47 -1.76
C VAL C 77 -20.52 0.36 -2.34
N GLY C 78 -20.25 -0.65 -1.52
CA GLY C 78 -19.45 -1.79 -1.97
C GLY C 78 -19.24 -2.80 -0.85
N PRO C 79 -18.28 -3.71 -1.04
CA PRO C 79 -18.11 -4.86 -0.15
C PRO C 79 -17.31 -4.51 1.11
N THR C 80 -17.77 -3.49 1.82
CA THR C 80 -17.17 -3.15 3.11
C THR C 80 -17.53 -4.18 4.20
N PRO C 81 -16.59 -4.45 5.12
CA PRO C 81 -16.95 -5.42 6.16
C PRO C 81 -18.08 -4.96 7.09
N VAL C 82 -18.25 -3.64 7.21
CA VAL C 82 -19.26 -3.06 8.09
C VAL C 82 -19.59 -1.68 7.52
N ASN C 83 -20.84 -1.28 7.60
CA ASN C 83 -21.22 0.08 7.21
C ASN C 83 -20.37 1.05 8.04
N ILE C 84 -19.82 2.06 7.38
CA ILE C 84 -18.88 2.99 7.99
C ILE C 84 -19.32 4.42 7.70
N ILE C 85 -19.48 5.21 8.75
CA ILE C 85 -19.65 6.66 8.64
C ILE C 85 -18.29 7.31 8.81
N GLY C 86 -17.80 7.92 7.72
CA GLY C 86 -16.52 8.61 7.75
C GLY C 86 -16.67 10.11 8.04
N ARG C 87 -15.55 10.81 7.99
CA ARG C 87 -15.48 12.21 8.40
C ARG C 87 -16.39 13.12 7.56
N ASN C 88 -16.60 12.78 6.29
CA ASN C 88 -17.43 13.63 5.44
C ASN C 88 -18.81 13.79 6.02
N LEU C 89 -19.33 12.75 6.67
CA LEU C 89 -20.63 12.85 7.32
C LEU C 89 -20.52 13.11 8.81
N LEU C 90 -19.45 12.67 9.48
CA LEU C 90 -19.29 13.03 10.90
C LEU C 90 -19.26 14.57 11.08
N THR C 91 -18.70 15.30 10.13
CA THR C 91 -18.65 16.76 10.23
C THR C 91 -20.06 17.37 10.12
N GLN C 92 -20.90 16.76 9.29
CA GLN C 92 -22.27 17.23 9.07
C GLN C 92 -23.16 17.08 10.32
N ILE C 93 -22.89 16.10 11.18
CA ILE C 93 -23.63 15.96 12.43
C ILE C 93 -23.02 16.77 13.58
N GLY C 94 -21.84 17.33 13.34
CA GLY C 94 -21.14 18.18 14.31
C GLY C 94 -20.33 17.34 15.28
N CYS C 95 -19.83 16.20 14.81
CA CYS C 95 -19.13 15.26 15.69
C CYS C 95 -17.68 15.68 15.92
N THR C 96 -17.25 15.64 17.18
CA THR C 96 -15.86 15.91 17.54
C THR C 96 -15.37 14.80 18.45
N LEU C 97 -14.04 14.72 18.53
CA LEU C 97 -13.32 13.90 19.51
C LEU C 97 -12.92 14.76 20.68
N ASN C 98 -13.16 14.25 21.87
CA ASN C 98 -12.94 15.06 23.07
C ASN C 98 -12.21 14.27 24.12
N PHE C 99 -11.15 14.89 24.66
CA PHE C 99 -10.44 14.31 25.82
C PHE C 99 -9.69 15.39 26.60
N PRO D 1 -8.76 18.64 25.08
CA PRO D 1 -8.92 19.18 23.73
C PRO D 1 -10.20 18.72 23.07
N GLN D 2 -10.74 19.58 22.20
CA GLN D 2 -11.79 19.17 21.30
C GLN D 2 -11.15 19.13 19.93
N ILE D 3 -11.29 18.00 19.24
CA ILE D 3 -10.75 17.89 17.90
C ILE D 3 -11.86 17.73 16.87
N THR D 4 -11.93 18.70 15.96
CA THR D 4 -12.91 18.67 14.90
C THR D 4 -12.41 17.69 13.83
N LEU D 5 -13.27 17.35 12.88
CA LEU D 5 -13.03 16.27 11.92
C LEU D 5 -13.02 16.73 10.46
N TRP D 6 -12.87 18.03 10.25
CA TRP D 6 -12.67 18.59 8.92
C TRP D 6 -11.47 17.96 8.18
N LYS D 7 -10.39 17.75 8.92
CA LYS D 7 -9.23 17.07 8.44
C LYS D 7 -8.97 15.81 9.28
N ARG D 8 -8.07 14.97 8.81
CA ARG D 8 -7.64 13.78 9.57
C ARG D 8 -7.13 14.20 10.95
N PRO D 9 -7.60 13.51 12.01
CA PRO D 9 -7.23 13.90 13.37
C PRO D 9 -5.88 13.28 13.72
N LEU D 10 -4.82 13.95 13.28
CA LEU D 10 -3.46 13.47 13.48
C LEU D 10 -2.86 14.10 14.74
N VAL D 11 -2.12 13.29 15.50
CA VAL D 11 -1.38 13.77 16.68
C VAL D 11 0.00 13.14 16.68
N THR D 12 0.88 13.69 17.51
CA THR D 12 2.20 13.13 17.73
C THR D 12 2.15 12.17 18.92
N ILE D 13 2.78 11.02 18.76
CA ILE D 13 2.88 10.04 19.83
C ILE D 13 4.36 9.81 20.13
N ARG D 14 4.67 9.45 21.38
CA ARG D 14 6.04 9.11 21.74
C ARG D 14 6.08 7.63 22.10
N ILE D 15 6.90 6.86 21.39
CA ILE D 15 7.03 5.43 21.66
C ILE D 15 8.48 5.04 21.45
N GLY D 16 9.11 4.44 22.47
CA GLY D 16 10.54 4.13 22.45
C GLY D 16 11.42 5.35 22.27
N GLY D 17 11.04 6.47 22.87
CA GLY D 17 11.73 7.74 22.66
C GLY D 17 11.65 8.31 21.25
N GLN D 18 10.89 7.67 20.36
N GLN D 18 10.86 7.68 20.37
CA GLN D 18 10.71 8.11 18.97
CA GLN D 18 10.69 8.10 18.99
C GLN D 18 9.39 8.85 18.86
C GLN D 18 9.38 8.85 18.86
N LEU D 19 9.39 9.94 18.11
CA LEU D 19 8.15 10.70 17.83
C LEU D 19 7.60 10.21 16.50
N LYS D 20 6.29 9.95 16.47
CA LYS D 20 5.58 9.52 15.26
C LYS D 20 4.26 10.24 15.17
N GLU D 21 3.84 10.50 13.94
CA GLU D 21 2.52 11.04 13.66
C GLU D 21 1.53 9.88 13.56
N ALA D 22 0.38 10.00 14.21
CA ALA D 22 -0.60 8.93 14.18
C ALA D 22 -2.03 9.48 14.16
N LEU D 23 -2.94 8.66 13.67
CA LEU D 23 -4.33 8.99 13.43
C LEU D 23 -5.25 8.51 14.56
N LEU D 24 -5.96 9.43 15.20
CA LEU D 24 -6.91 9.06 16.21
C LEU D 24 -8.10 8.40 15.54
N ASN D 25 -8.24 7.10 15.75
CA ASN D 25 -9.10 6.27 14.93
C ASN D 25 -10.17 5.48 15.68
N THR D 26 -11.37 6.00 15.76
CA THR D 26 -12.43 5.30 16.43
C THR D 26 -12.90 4.04 15.73
N GLY D 27 -12.45 3.85 14.51
CA GLY D 27 -12.78 2.68 13.76
C GLY D 27 -11.78 1.52 13.86
N ALA D 28 -10.83 1.66 14.75
CA ALA D 28 -9.81 0.66 15.00
C ALA D 28 -9.94 0.17 16.44
N ASP D 29 -10.02 -1.14 16.59
CA ASP D 29 -10.00 -1.78 17.91
C ASP D 29 -8.68 -1.56 18.63
N ASP D 30 -7.59 -1.57 17.84
CA ASP D 30 -6.24 -1.65 18.34
C ASP D 30 -5.38 -0.50 17.79
N THR D 31 -4.16 -0.39 18.31
CA THR D 31 -3.19 0.59 17.86
C THR D 31 -2.18 -0.11 16.97
N VAL D 32 -2.00 0.39 15.74
CA VAL D 32 -1.13 -0.24 14.75
C VAL D 32 -0.14 0.77 14.20
N LEU D 33 1.14 0.43 14.29
CA LEU D 33 2.20 1.31 13.79
C LEU D 33 2.91 0.67 12.62
N GLU D 34 3.36 1.52 11.70
CA GLU D 34 4.10 1.08 10.52
C GLU D 34 5.36 0.34 10.95
N GLU D 35 5.84 -0.53 10.07
N GLU D 35 5.85 -0.53 10.08
CA GLU D 35 7.00 -1.37 10.35
CA GLU D 35 7.02 -1.35 10.39
C GLU D 35 8.14 -0.53 10.94
C GLU D 35 8.11 -0.48 10.99
N MET D 36 8.62 -0.93 12.12
CA MET D 36 9.68 -0.23 12.82
C MET D 36 10.44 -1.29 13.62
N ASN D 37 11.58 -0.91 14.17
CA ASN D 37 12.35 -1.80 15.04
C ASN D 37 12.00 -1.50 16.50
N LEU D 38 11.30 -2.44 17.11
CA LEU D 38 10.96 -2.38 18.52
C LEU D 38 11.49 -3.67 19.17
N PRO D 39 12.27 -3.54 20.25
CA PRO D 39 12.86 -4.72 20.89
C PRO D 39 11.89 -5.48 21.81
N GLY D 40 12.26 -6.71 22.16
CA GLY D 40 11.47 -7.48 23.10
C GLY D 40 10.62 -8.52 22.40
N LYS D 41 9.97 -9.35 23.20
CA LYS D 41 9.13 -10.42 22.70
C LYS D 41 7.83 -9.87 22.12
N TRP D 42 7.31 -10.62 21.17
CA TRP D 42 6.02 -10.28 20.59
C TRP D 42 5.33 -11.57 20.27
N LYS D 43 4.07 -11.49 19.87
CA LYS D 43 3.42 -12.66 19.32
C LYS D 43 2.69 -12.28 18.05
N PRO D 44 2.58 -13.23 17.12
CA PRO D 44 1.86 -12.93 15.87
C PRO D 44 0.35 -12.75 16.08
N LYS D 45 -0.24 -11.94 15.22
CA LYS D 45 -1.68 -11.61 15.27
C LYS D 45 -2.14 -11.30 13.87
N MET D 46 -3.37 -11.65 13.54
CA MET D 46 -3.98 -11.26 12.28
C MET D 46 -5.06 -10.22 12.54
N ILE D 47 -5.06 -9.14 11.77
CA ILE D 47 -6.03 -8.05 11.94
C ILE D 47 -6.68 -7.72 10.62
N GLY D 48 -7.93 -7.31 10.69
CA GLY D 48 -8.72 -7.04 9.51
C GLY D 48 -8.82 -5.57 9.24
N GLY D 49 -8.88 -5.22 7.95
CA GLY D 49 -9.22 -3.86 7.50
C GLY D 49 -10.35 -3.94 6.49
N VAL D 50 -10.57 -2.87 5.73
N VAL D 50 -10.53 -2.88 5.72
CA VAL D 50 -11.64 -2.82 4.75
CA VAL D 50 -11.64 -2.77 4.80
C VAL D 50 -11.47 -3.90 3.69
C VAL D 50 -11.48 -3.74 3.61
N GLY D 51 -10.23 -4.05 3.27
CA GLY D 51 -9.91 -4.90 2.10
C GLY D 51 -9.29 -6.25 2.39
N GLY D 52 -9.16 -6.63 3.66
CA GLY D 52 -8.70 -7.99 3.99
C GLY D 52 -7.92 -7.98 5.28
N PHE D 53 -7.08 -9.00 5.47
CA PHE D 53 -6.32 -9.14 6.71
C PHE D 53 -4.84 -8.92 6.50
N ILE D 54 -4.18 -8.47 7.54
CA ILE D 54 -2.72 -8.41 7.55
C ILE D 54 -2.19 -9.07 8.82
N LYS D 55 -0.98 -9.56 8.72
CA LYS D 55 -0.26 -10.14 9.85
C LYS D 55 0.53 -9.02 10.51
N VAL D 56 0.52 -8.98 11.85
CA VAL D 56 1.26 -7.98 12.61
C VAL D 56 1.95 -8.66 13.80
N ARG D 57 2.84 -7.93 14.45
CA ARG D 57 3.52 -8.39 15.68
C ARG D 57 2.82 -7.68 16.82
N GLN D 58 2.39 -8.43 17.83
CA GLN D 58 1.72 -7.87 19.00
C GLN D 58 2.74 -7.72 20.13
N TYR D 59 2.96 -6.47 20.59
CA TYR D 59 3.85 -6.14 21.71
C TYR D 59 3.02 -5.64 22.87
N ASP D 60 3.16 -6.29 24.01
CA ASP D 60 2.34 -5.96 25.17
C ASP D 60 3.10 -5.06 26.14
N GLN D 61 2.35 -4.29 26.94
N GLN D 61 2.35 -4.30 26.94
CA GLN D 61 2.87 -3.50 28.05
CA GLN D 61 2.89 -3.50 28.05
C GLN D 61 3.96 -2.51 27.61
C GLN D 61 3.97 -2.51 27.60
N ILE D 62 3.66 -1.75 26.56
CA ILE D 62 4.57 -0.78 26.00
C ILE D 62 4.22 0.63 26.49
N PRO D 63 5.19 1.36 27.07
CA PRO D 63 4.94 2.77 27.45
C PRO D 63 4.77 3.67 26.23
N ILE D 64 3.65 4.40 26.19
CA ILE D 64 3.36 5.33 25.11
C ILE D 64 2.91 6.66 25.71
N GLU D 65 3.19 7.74 25.00
CA GLU D 65 2.73 9.04 25.40
C GLU D 65 1.89 9.64 24.28
N ILE D 66 0.67 10.07 24.60
CA ILE D 66 -0.25 10.66 23.61
C ILE D 66 -0.93 11.88 24.23
N CYS D 67 -0.63 13.06 23.66
CA CYS D 67 -1.20 14.34 24.10
C CYS D 67 -1.06 14.59 25.61
N GLY D 68 0.13 14.32 26.13
CA GLY D 68 0.44 14.57 27.54
C GLY D 68 0.01 13.46 28.48
N HIS D 69 -0.62 12.44 27.92
CA HIS D 69 -1.05 11.28 28.68
C HIS D 69 -0.02 10.19 28.52
N LYS D 70 0.60 9.82 29.65
CA LYS D 70 1.56 8.73 29.71
C LYS D 70 0.82 7.47 30.10
N VAL D 71 0.74 6.52 29.18
CA VAL D 71 -0.02 5.29 29.40
C VAL D 71 0.77 4.07 28.93
N ILE D 72 0.22 2.88 29.23
CA ILE D 72 0.86 1.63 28.88
C ILE D 72 -0.18 0.73 28.24
N GLY D 73 0.17 0.15 27.09
CA GLY D 73 -0.76 -0.72 26.43
C GLY D 73 -0.12 -1.54 25.35
N THR D 74 -0.97 -2.20 24.59
CA THR D 74 -0.57 -3.08 23.53
C THR D 74 -0.42 -2.28 22.25
N VAL D 75 0.66 -2.53 21.52
CA VAL D 75 0.91 -1.90 20.24
C VAL D 75 1.13 -3.00 19.21
N LEU D 76 0.52 -2.85 18.04
CA LEU D 76 0.72 -3.79 16.96
C LEU D 76 1.63 -3.16 15.92
N VAL D 77 2.57 -3.93 15.38
CA VAL D 77 3.46 -3.41 14.35
C VAL D 77 3.35 -4.23 13.09
N GLY D 78 3.13 -3.54 11.97
CA GLY D 78 2.99 -4.22 10.70
C GLY D 78 2.66 -3.29 9.56
N PRO D 79 2.28 -3.86 8.40
CA PRO D 79 2.15 -3.10 7.16
C PRO D 79 0.87 -2.28 7.03
N THR D 80 0.59 -1.44 8.03
CA THR D 80 -0.39 -0.39 7.89
C THR D 80 0.21 0.79 7.12
N PRO D 81 -0.60 1.48 6.30
CA PRO D 81 -0.08 2.64 5.56
C PRO D 81 0.10 3.90 6.40
N VAL D 82 -0.60 3.93 7.52
CA VAL D 82 -0.60 5.08 8.40
C VAL D 82 -0.61 4.53 9.82
N ASN D 83 0.09 5.20 10.74
CA ASN D 83 0.04 4.85 12.15
C ASN D 83 -1.34 5.15 12.69
N ILE D 84 -1.97 4.19 13.36
N ILE D 84 -1.90 4.20 13.43
CA ILE D 84 -3.31 4.42 13.87
CA ILE D 84 -3.28 4.24 13.90
C ILE D 84 -3.40 4.18 15.38
C ILE D 84 -3.34 4.16 15.43
N ILE D 85 -4.02 5.12 16.08
CA ILE D 85 -4.30 5.00 17.51
C ILE D 85 -5.73 4.52 17.65
N GLY D 86 -5.92 3.31 18.18
CA GLY D 86 -7.24 2.70 18.22
C GLY D 86 -7.84 2.79 19.62
N ARG D 87 -8.96 2.11 19.79
CA ARG D 87 -9.83 2.28 20.98
C ARG D 87 -9.12 1.81 22.24
N ASN D 88 -8.19 0.87 22.11
CA ASN D 88 -7.44 0.40 23.27
C ASN D 88 -6.69 1.54 23.99
N LEU D 89 -6.18 2.49 23.23
CA LEU D 89 -5.51 3.63 23.79
C LEU D 89 -6.41 4.87 23.88
N LEU D 90 -7.38 5.04 22.97
CA LEU D 90 -8.35 6.15 23.06
C LEU D 90 -9.17 6.08 24.37
N THR D 91 -9.53 4.88 24.80
CA THR D 91 -10.33 4.75 26.04
C THR D 91 -9.46 5.14 27.23
N GLN D 92 -8.17 4.78 27.19
CA GLN D 92 -7.27 5.11 28.29
C GLN D 92 -7.07 6.60 28.49
N ILE D 93 -7.13 7.38 27.42
CA ILE D 93 -6.90 8.84 27.54
C ILE D 93 -8.19 9.63 27.75
N GLY D 94 -9.32 8.93 27.81
CA GLY D 94 -10.63 9.50 28.04
C GLY D 94 -11.32 10.05 26.81
N CYS D 95 -10.89 9.59 25.63
CA CYS D 95 -11.46 10.06 24.37
C CYS D 95 -12.90 9.57 24.14
N THR D 96 -13.78 10.50 23.80
CA THR D 96 -15.17 10.20 23.42
C THR D 96 -15.51 10.92 22.12
N LEU D 97 -16.55 10.43 21.45
CA LEU D 97 -17.20 11.10 20.35
C LEU D 97 -18.40 11.88 20.88
N ASN D 98 -18.56 13.11 20.44
CA ASN D 98 -19.64 13.96 20.93
C ASN D 98 -20.28 14.75 19.81
N PHE D 99 -21.61 14.78 19.76
CA PHE D 99 -22.34 15.60 18.78
C PHE D 99 -23.77 15.93 19.25
N PRO E 2 13.16 8.29 -13.93
CA PRO E 2 13.04 6.83 -13.90
C PRO E 2 12.59 6.36 -12.50
N GLY E 3 11.54 5.56 -12.30
CA GLY E 3 10.71 4.93 -13.27
C GLY E 3 10.55 3.44 -12.98
N ASN E 4 11.02 2.70 -13.94
CA ASN E 4 10.50 1.42 -14.14
C ASN E 4 11.69 0.47 -14.37
N PHE E 5 12.14 -0.13 -13.29
CA PHE E 5 13.39 -0.84 -13.35
C PHE E 5 13.31 -2.31 -13.68
N LEU E 6 12.41 -2.69 -14.58
CA LEU E 6 12.53 -3.99 -15.24
C LEU E 6 13.97 -4.28 -15.64
N GLN E 7 14.35 -5.51 -15.42
CA GLN E 7 15.65 -5.94 -15.90
C GLN E 7 15.71 -7.44 -16.21
N SER E 8 16.36 -7.74 -17.30
CA SER E 8 16.53 -9.10 -17.77
C SER E 8 17.91 -9.33 -18.41
N SER E 9 18.34 -10.59 -18.41
CA SER E 9 19.48 -11.03 -19.19
C SER E 9 19.03 -12.05 -20.24
N ARG F 1 -3.30 7.78 -1.07
CA ARG F 1 -4.69 7.43 -1.46
C ARG F 1 -5.43 6.46 -0.51
N PRO F 2 -4.72 5.70 0.37
CA PRO F 2 -5.58 4.96 1.30
C PRO F 2 -6.19 5.95 2.28
N GLY F 3 -7.47 5.75 2.58
CA GLY F 3 -8.17 6.70 3.42
C GLY F 3 -9.25 6.11 4.30
N ASN F 4 -9.41 4.78 4.33
CA ASN F 4 -10.40 4.18 5.25
C ASN F 4 -9.72 3.16 6.14
N PHE F 5 -9.41 3.58 7.34
CA PHE F 5 -8.57 2.77 8.25
C PHE F 5 -9.39 2.02 9.31
N LEU F 6 -10.55 1.52 8.90
CA LEU F 6 -11.19 0.43 9.64
C LEU F 6 -10.11 -0.58 10.08
N GLN F 7 -10.12 -0.94 11.36
CA GLN F 7 -9.27 -2.01 11.83
C GLN F 7 -9.95 -2.88 12.89
N SER F 8 -9.92 -4.19 12.68
CA SER F 8 -10.54 -5.16 13.59
C SER F 8 -9.55 -6.19 14.10
N SER F 9 -9.75 -6.61 15.35
CA SER F 9 -9.07 -7.81 15.78
C SER F 9 -10.06 -8.82 16.32
N PRO F 10 -9.83 -10.11 16.01
CA PRO F 10 -10.66 -11.21 16.47
C PRO F 10 -10.56 -11.42 17.98
P PO4 G . 42.35 -8.70 -9.48
O1 PO4 G . 43.82 -9.00 -9.59
O2 PO4 G . 41.52 -9.96 -9.65
O3 PO4 G . 42.02 -8.09 -8.12
O4 PO4 G . 41.99 -7.71 -10.56
S SO4 H . 10.05 7.35 -2.74
O1 SO4 H . 10.34 7.31 -1.28
O2 SO4 H . 9.44 8.67 -3.06
O3 SO4 H . 11.30 7.17 -3.49
O4 SO4 H . 9.08 6.30 -3.10
S SO4 I . -7.44 15.74 5.01
O1 SO4 I . -6.89 15.67 6.37
O2 SO4 I . -8.83 15.21 4.92
O3 SO4 I . -7.52 17.16 4.54
O4 SO4 I . -6.50 15.02 4.12
#